data_9DKK
#
_entry.id   9DKK
#
_cell.length_a   1.00
_cell.length_b   1.00
_cell.length_c   1.00
_cell.angle_alpha   90.00
_cell.angle_beta   90.00
_cell.angle_gamma   90.00
#
_symmetry.space_group_name_H-M   'P 1'
#
loop_
_entity.id
_entity.type
_entity.pdbx_description
1 polymer 'Spike protein'
2 polymer 'Miniprotein cb3_GGGSGGGS_SB175'
3 branched 2-acetamido-2-deoxy-beta-D-glucopyranose-(1-4)-2-acetamido-2-deoxy-beta-D-glucopyranose
4 non-polymer 2-acetamido-2-deoxy-beta-D-glucopyranose
#
loop_
_entity_poly.entity_id
_entity_poly.type
_entity_poly.pdbx_seq_one_letter_code
_entity_poly.pdbx_strand_id
1 'polypeptide(L)'
;MGILPSPGMPALLSLVSLLSVLLMGCVAETGTVDVGPDSVKSACIEVDIQQTFFDKTWPRPIDVSKADGIIYPQGRTYSN
ITITYQGLFPYQGDHGDMYVYSAGHATGTTPQKLFVANYSQDVKQFANGFVVRIGAAANSTGTVIISPSTSATIRKIYPA
FMLGSSVGNFSDGKMGRFFNHTLVLLPDGCGTLLRAFYCILEPRSGNHCPAGNSYTSFATYHTPATDCSDGNYNRNASLN
SFKEYFNLRNCTFMYTYNITEDEILEWFGITQTAQGVHLFSSRYVDLYGGNMFQFATLPVYDTIKYYSIIPHSIRSIQSD
RKAWAAFYVYKLQPLTFLLDFSVDGYIRRAIDCGFNDLSQLHCSYESFDVESGVYSVSSFEAKPSGSVVEQAEGVECDFS
PLLSGTPPQVYNFKRLVFTNCNYNLTKLLSLFSVNDFTCSQISPAAIASNCYSSLILDYFSYPLSMKSDLSVSSAGPISQ
FNYKQSFSNPTCLILATVPHNLTTITKPLKYSYINKCSRLLSDDRTEVPQLVNANQYSPCVSIVPSTVWEDGDYYRKQLS
PLEGGGWLVASGSTVAMTEQLQMGFGITVQYGTDTNSVCPKLEFANDTKIASQLGNCVEYSLYGVSGRGVFQNCTAVGVR
QQRFVYDAYQNLVGYYSDDGNYYCLRACVSVPVSVIYDKETKTHATLFGSVACEHISSTMSQYSRSTRSMLKRRDSTYGP
LQTPVGCVLGLVNSSLFVEDCKLPLGQSLCALPDTPSTLTPASVGSVPGEMRLASIAFNHPIQVDQLNSSYFKLSIPTNF
SFGVTQEYIQTTIQKVTVDCKQYVCNGFQKCEQLLREYGQFCSKINQALHGANLRQDDSVRNLFASVKSSQSSPIIPGFG
GDFNLTLLEPVSISTGSRSARSAIEDLLFDKVTIADPGYMQGYDDCMQQGPASARDLICAQYVAGYKVLPPLMDVNMEAA
YTSSLLGSIAGVGWTAGLSSFAAIPFAQSIFYRLNGVGITQQVLSENQKLIANKFNQALGAMQTGFTTTNEAFQKVQDAV
NNNAQALSKLASELSNTFGAISASIGDIIQRLDPPEQDAQIDRLINGRLTTLNAFVAQQLVRSESAALSAQLAKDKVNEC
VKAQSKRSGFCGQGTHIVSFVVNAPNGLYFMHVGYYPSNHIEVVSAYGLCDAANPTNCIAPVNGYFIKTNNTRIVDEWSY
TGSSFYAPEPITSLNTKYVAPQVTYQNISTNLPPPLLGNSTGIDFQDELDEFFKNVSTSIPNFGSLTQINTTLLDLTYEM
LSLQQVVKALNESYIDLKELGNYTYYNKGSGYIPEAPRDGQAYVRKDGEWVLLSTFLGGSGLNDIFEAQKIEWHEGGSHH
HHHHHH
;
B,A
2 'polypeptide(L)'
;MSGSPVKRFVREVLEEAEEAYEKGDRRQFEELLWLAEWAARDANDEELEEEIREFEKEVKGGGSGGGSEALEELEKALRE
LKKSTDELERSTEELEKNPSEDALVENNRLIVENNKIIVEVLRIIAKVLKGSHHWGSTHHHHHH
;
D,C
#
# COMPACT_ATOMS: atom_id res chain seq x y z
N VAL A 395 -9.91 44.61 22.90
CA VAL A 395 -9.75 43.58 23.92
C VAL A 395 -8.36 42.95 23.85
N GLU A 396 -7.83 42.59 25.01
CA GLU A 396 -6.52 41.95 25.06
C GLU A 396 -6.58 40.54 24.46
N CYS A 397 -5.55 40.20 23.70
CA CYS A 397 -5.45 38.84 23.17
C CYS A 397 -5.27 37.87 24.33
N ASP A 398 -6.09 36.83 24.37
CA ASP A 398 -6.19 35.95 25.53
C ASP A 398 -5.32 34.72 25.32
N PHE A 399 -4.25 34.62 26.09
CA PHE A 399 -3.42 33.41 26.13
C PHE A 399 -3.86 32.49 27.28
N SER A 400 -5.17 32.25 27.36
CA SER A 400 -5.76 31.45 28.43
C SER A 400 -5.59 29.94 28.23
N PRO A 401 -5.80 29.39 27.03
CA PRO A 401 -5.67 27.93 26.88
C PRO A 401 -4.28 27.39 27.19
N LEU A 402 -3.25 28.22 27.17
CA LEU A 402 -1.90 27.75 27.50
C LEU A 402 -1.83 27.24 28.94
N LEU A 403 -2.48 27.95 29.87
CA LEU A 403 -2.33 27.70 31.29
C LEU A 403 -3.51 26.94 31.89
N SER A 404 -4.34 26.32 31.07
CA SER A 404 -5.57 25.68 31.53
C SER A 404 -5.67 24.25 31.03
N GLY A 405 -4.59 23.49 31.17
CA GLY A 405 -4.62 22.09 30.82
C GLY A 405 -3.23 21.53 30.64
N THR A 406 -3.18 20.27 30.24
CA THR A 406 -1.92 19.61 29.96
C THR A 406 -1.45 19.97 28.55
N PRO A 407 -0.24 20.49 28.39
CA PRO A 407 0.26 20.82 27.06
C PRO A 407 0.39 19.58 26.19
N PRO A 408 0.08 19.68 24.91
CA PRO A 408 0.19 18.50 24.04
C PRO A 408 1.62 18.19 23.64
N GLN A 409 1.80 17.21 22.78
CA GLN A 409 3.13 16.85 22.30
C GLN A 409 3.47 17.65 21.05
N VAL A 410 4.72 17.49 20.59
CA VAL A 410 5.20 18.29 19.47
C VAL A 410 4.43 17.96 18.19
N TYR A 411 4.04 16.70 18.01
CA TYR A 411 3.29 16.31 16.83
C TYR A 411 1.79 16.55 16.97
N ASN A 412 1.35 17.06 18.11
CA ASN A 412 -0.04 17.45 18.34
C ASN A 412 -0.11 18.87 18.87
N PHE A 413 0.76 19.75 18.36
CA PHE A 413 0.87 21.10 18.88
C PHE A 413 -0.47 21.83 18.82
N LYS A 414 -0.76 22.62 19.84
CA LYS A 414 -2.02 23.34 19.93
C LYS A 414 -1.83 24.76 19.43
N ARG A 415 -2.70 25.20 18.54
CA ARG A 415 -2.54 26.46 17.83
C ARG A 415 -3.62 27.47 18.21
N LEU A 416 -3.21 28.72 18.38
CA LEU A 416 -4.10 29.84 18.62
C LEU A 416 -3.85 30.91 17.56
N VAL A 417 -4.92 31.52 17.06
CA VAL A 417 -4.86 32.54 16.03
C VAL A 417 -5.48 33.81 16.58
N PHE A 418 -4.77 34.93 16.42
CA PHE A 418 -5.20 36.21 16.96
C PHE A 418 -5.22 37.26 15.86
N THR A 419 -6.34 37.98 15.76
CA THR A 419 -6.51 39.12 14.88
C THR A 419 -7.41 40.13 15.58
N ASN A 420 -7.12 41.42 15.37
CA ASN A 420 -7.89 42.52 15.95
C ASN A 420 -7.93 42.43 17.48
N CYS A 421 -6.75 42.52 18.08
CA CYS A 421 -6.65 42.51 19.54
C CYS A 421 -5.31 43.13 19.93
N ASN A 422 -5.24 43.56 21.19
CA ASN A 422 -4.02 44.15 21.75
C ASN A 422 -3.32 43.11 22.60
N TYR A 423 -2.02 42.93 22.35
CA TYR A 423 -1.25 41.91 23.06
C TYR A 423 -0.15 42.55 23.88
N ASN A 424 0.22 41.88 24.98
CA ASN A 424 1.38 42.29 25.81
C ASN A 424 2.23 41.04 25.95
N LEU A 425 3.11 40.77 25.00
CA LEU A 425 3.87 39.53 24.96
C LEU A 425 4.74 39.36 26.20
N THR A 426 5.35 40.44 26.66
CA THR A 426 6.22 40.36 27.84
C THR A 426 5.46 39.88 29.07
N LYS A 427 4.15 40.15 29.13
CA LYS A 427 3.34 39.65 30.23
C LYS A 427 3.27 38.13 30.21
N LEU A 428 3.15 37.54 29.02
CA LEU A 428 3.11 36.08 28.91
C LEU A 428 4.44 35.46 29.32
N LEU A 429 5.54 35.96 28.77
CA LEU A 429 6.85 35.39 29.06
C LEU A 429 7.29 35.65 30.49
N SER A 430 6.72 36.67 31.16
CA SER A 430 7.01 36.87 32.57
C SER A 430 6.37 35.80 33.45
N LEU A 431 5.42 35.04 32.92
CA LEU A 431 4.82 33.92 33.63
C LEU A 431 5.64 32.64 33.51
N PHE A 432 6.72 32.67 32.74
CA PHE A 432 7.57 31.49 32.55
C PHE A 432 9.01 31.81 32.90
N SER A 433 9.91 30.87 32.61
CA SER A 433 11.36 31.05 32.78
C SER A 433 11.98 30.76 31.42
N VAL A 434 12.09 31.80 30.59
CA VAL A 434 12.53 31.63 29.21
C VAL A 434 13.95 31.10 29.16
N ASN A 435 14.12 29.88 28.66
CA ASN A 435 15.43 29.28 28.52
C ASN A 435 16.03 29.52 27.14
N ASP A 436 15.21 29.79 26.14
CA ASP A 436 15.70 30.05 24.80
C ASP A 436 14.69 30.90 24.04
N PHE A 437 15.20 31.79 23.18
CA PHE A 437 14.36 32.70 22.42
C PHE A 437 15.13 33.07 21.15
N THR A 438 14.75 32.46 20.03
CA THR A 438 15.44 32.70 18.76
C THR A 438 14.42 33.00 17.68
N CYS A 439 14.57 34.14 17.02
CA CYS A 439 13.65 34.55 15.97
C CYS A 439 14.31 34.50 14.60
N SER A 440 13.49 34.31 13.58
CA SER A 440 13.91 34.27 12.19
C SER A 440 13.14 35.33 11.42
N GLN A 441 13.88 36.14 10.65
CA GLN A 441 13.38 37.26 9.84
C GLN A 441 12.83 38.39 10.71
N ILE A 442 13.15 38.41 12.00
CA ILE A 442 12.72 39.48 12.89
C ILE A 442 13.60 39.41 14.13
N SER A 443 13.64 40.50 14.87
CA SER A 443 14.42 40.52 16.10
C SER A 443 13.52 40.28 17.31
N PRO A 444 14.06 39.66 18.36
CA PRO A 444 13.24 39.42 19.56
C PRO A 444 12.74 40.68 20.23
N ALA A 445 13.40 41.82 20.02
CA ALA A 445 12.90 43.08 20.57
C ALA A 445 11.72 43.63 19.77
N ALA A 446 11.72 43.42 18.46
CA ALA A 446 10.67 43.97 17.60
C ALA A 446 9.49 43.02 17.44
N ILE A 447 9.56 41.80 17.96
CA ILE A 447 8.43 40.89 17.85
C ILE A 447 7.28 41.37 18.73
N ALA A 448 7.59 42.07 19.82
CA ALA A 448 6.59 42.51 20.79
C ALA A 448 6.33 44.01 20.73
N SER A 449 6.65 44.65 19.60
CA SER A 449 6.44 46.08 19.45
C SER A 449 5.73 46.49 18.17
N ASN A 450 5.74 45.67 17.12
CA ASN A 450 5.15 46.02 15.85
C ASN A 450 3.68 45.62 15.81
N CYS A 451 2.97 46.13 14.81
CA CYS A 451 1.59 45.73 14.53
C CYS A 451 1.60 44.70 13.40
N TYR A 452 0.74 43.69 13.52
CA TYR A 452 0.71 42.60 12.56
C TYR A 452 -0.71 42.36 12.07
N SER A 453 -0.83 41.87 10.84
CA SER A 453 -2.13 41.50 10.32
C SER A 453 -2.70 40.30 11.07
N SER A 454 -1.85 39.31 11.36
CA SER A 454 -2.31 38.13 12.10
C SER A 454 -1.16 37.58 12.92
N LEU A 455 -1.51 36.94 14.04
CA LEU A 455 -0.54 36.29 14.92
C LEU A 455 -0.96 34.85 15.14
N ILE A 456 0.00 33.93 15.12
CA ILE A 456 -0.25 32.53 15.37
C ILE A 456 0.72 32.04 16.43
N LEU A 457 0.21 31.32 17.42
CA LEU A 457 1.02 30.78 18.51
C LEU A 457 0.74 29.28 18.64
N ASP A 458 1.76 28.47 18.42
CA ASP A 458 1.66 27.01 18.55
C ASP A 458 2.47 26.59 19.77
N TYR A 459 1.80 25.98 20.75
CA TYR A 459 2.48 25.56 21.96
C TYR A 459 2.41 24.04 22.11
N PHE A 460 3.43 23.49 22.76
CA PHE A 460 3.53 22.04 22.96
C PHE A 460 4.53 21.78 24.07
N SER A 461 4.67 20.51 24.45
CA SER A 461 5.64 20.09 25.43
C SER A 461 6.93 19.66 24.74
N TYR A 462 8.05 20.17 25.22
CA TYR A 462 9.32 19.88 24.56
C TYR A 462 10.45 19.88 25.58
N PRO A 463 11.20 18.79 25.69
CA PRO A 463 12.34 18.76 26.63
C PRO A 463 13.49 19.63 26.15
N LEU A 464 14.19 20.24 27.11
CA LEU A 464 15.32 21.09 26.77
C LEU A 464 16.53 20.30 26.32
N SER A 465 16.60 19.01 26.63
CA SER A 465 17.73 18.20 26.21
C SER A 465 17.78 17.99 24.71
N MET A 466 16.71 18.34 23.99
CA MET A 466 16.66 18.25 22.53
C MET A 466 16.55 19.63 21.89
N LYS A 467 17.20 20.62 22.48
CA LYS A 467 17.08 22.00 22.01
C LYS A 467 17.63 22.19 20.60
N SER A 468 18.54 21.31 20.15
CA SER A 468 19.12 21.46 18.83
C SER A 468 18.17 21.02 17.73
N ASP A 469 17.25 20.09 18.02
CA ASP A 469 16.35 19.61 16.98
C ASP A 469 15.26 20.61 16.65
N LEU A 470 14.91 21.48 17.59
CA LEU A 470 13.86 22.48 17.36
C LEU A 470 14.54 23.75 16.87
N SER A 471 14.74 23.84 15.56
CA SER A 471 15.45 25.01 15.00
C SER A 471 15.15 25.06 13.52
N VAL A 472 14.57 26.15 13.05
CA VAL A 472 14.12 26.22 11.63
C VAL A 472 15.15 25.54 10.72
N SER A 473 16.45 25.77 10.96
CA SER A 473 17.49 25.23 10.04
C SER A 473 18.00 23.87 10.54
N SER A 474 17.16 23.08 11.19
CA SER A 474 17.57 21.71 11.57
C SER A 474 17.07 20.72 10.53
N ALA A 475 17.43 19.46 10.64
CA ALA A 475 16.87 18.44 9.73
C ALA A 475 16.70 17.16 10.54
N GLY A 476 16.53 17.31 11.85
CA GLY A 476 16.28 16.15 12.67
C GLY A 476 14.87 15.63 12.50
N PRO A 477 14.51 14.63 13.31
CA PRO A 477 13.15 14.08 13.21
C PRO A 477 12.05 15.05 13.63
N ILE A 478 12.36 16.08 14.41
CA ILE A 478 11.34 17.00 14.86
C ILE A 478 10.82 17.85 13.71
N SER A 479 11.73 18.40 12.91
CA SER A 479 11.29 19.22 11.78
C SER A 479 10.78 18.37 10.62
N GLN A 480 11.33 17.17 10.44
CA GLN A 480 10.93 16.33 9.31
C GLN A 480 9.56 15.71 9.52
N PHE A 481 9.27 15.26 10.75
CA PHE A 481 8.08 14.45 10.99
C PHE A 481 7.11 15.01 12.03
N ASN A 482 7.49 16.03 12.79
CA ASN A 482 6.66 16.49 13.91
C ASN A 482 6.11 17.90 13.69
N TYR A 483 6.97 18.88 13.47
CA TYR A 483 6.51 20.27 13.47
C TYR A 483 7.48 21.12 12.66
N LYS A 484 6.94 21.88 11.71
CA LYS A 484 7.73 22.77 10.86
C LYS A 484 7.01 24.09 10.72
N GLN A 485 7.76 25.18 10.73
CA GLN A 485 7.22 26.52 10.58
C GLN A 485 7.40 27.02 9.15
N SER A 486 6.59 28.01 8.79
CA SER A 486 6.68 28.62 7.47
C SER A 486 7.97 29.42 7.34
N PHE A 487 8.59 29.34 6.16
CA PHE A 487 9.85 30.04 5.89
C PHE A 487 9.64 31.38 5.20
N SER A 488 8.39 31.80 5.00
CA SER A 488 8.10 33.06 4.32
C SER A 488 7.71 34.18 5.27
N ASN A 489 7.15 33.87 6.44
CA ASN A 489 6.72 34.88 7.38
C ASN A 489 7.67 34.92 8.57
N PRO A 490 7.80 36.08 9.24
CA PRO A 490 8.65 36.15 10.42
C PRO A 490 8.17 35.20 11.51
N THR A 491 9.13 34.54 12.16
CA THR A 491 8.81 33.49 13.13
C THR A 491 9.73 33.63 14.34
N CYS A 492 9.34 32.96 15.42
CA CYS A 492 10.16 32.89 16.63
C CYS A 492 9.91 31.55 17.31
N LEU A 493 10.96 30.99 17.91
CA LEU A 493 10.88 29.78 18.72
C LEU A 493 11.33 30.11 20.13
N ILE A 494 10.50 29.75 21.10
CA ILE A 494 10.76 30.02 22.51
C ILE A 494 10.73 28.70 23.27
N LEU A 495 11.73 28.48 24.12
CA LEU A 495 11.79 27.32 24.99
C LEU A 495 11.74 27.82 26.43
N ALA A 496 10.75 27.37 27.18
CA ALA A 496 10.50 27.87 28.51
C ALA A 496 10.31 26.73 29.49
N THR A 497 10.37 27.04 30.78
CA THR A 497 10.20 26.07 31.85
C THR A 497 9.06 26.51 32.75
N VAL A 498 8.15 25.60 33.06
CA VAL A 498 6.98 25.95 33.87
C VAL A 498 7.43 26.21 35.31
N PRO A 499 7.09 27.36 35.89
CA PRO A 499 7.52 27.66 37.26
C PRO A 499 6.68 26.91 38.29
N HIS A 500 7.22 26.89 39.51
CA HIS A 500 6.54 26.17 40.59
C HIS A 500 5.20 26.81 40.92
N ASN A 501 5.14 28.14 40.98
CA ASN A 501 3.91 28.82 41.38
C ASN A 501 2.82 28.72 40.32
N LEU A 502 3.15 28.29 39.10
CA LEU A 502 2.15 28.09 38.05
C LEU A 502 1.46 26.75 38.31
N THR A 503 0.47 26.78 39.20
CA THR A 503 -0.21 25.58 39.68
C THR A 503 -1.44 25.25 38.86
N THR A 504 -1.48 25.62 37.59
CA THR A 504 -2.60 25.31 36.72
C THR A 504 -2.20 24.48 35.50
N ILE A 505 -0.93 24.11 35.38
CA ILE A 505 -0.43 23.31 34.25
C ILE A 505 -0.04 21.95 34.79
N THR A 506 -0.57 20.90 34.17
CA THR A 506 -0.33 19.52 34.60
C THR A 506 0.62 18.85 33.63
N LYS A 507 1.65 18.21 34.17
CA LYS A 507 2.65 17.55 33.34
C LYS A 507 2.10 16.24 32.77
N PRO A 508 2.51 15.88 31.55
CA PRO A 508 2.18 14.56 31.02
C PRO A 508 3.05 13.46 31.65
N LEU A 509 2.90 12.23 31.17
CA LEU A 509 3.70 11.14 31.72
C LEU A 509 5.16 11.25 31.30
N LYS A 510 5.40 11.66 30.05
CA LYS A 510 6.76 11.78 29.52
C LYS A 510 6.70 12.66 28.27
N TYR A 511 7.84 12.81 27.62
CA TYR A 511 7.94 13.53 26.35
C TYR A 511 7.99 12.52 25.21
N SER A 512 7.21 12.76 24.17
CA SER A 512 7.13 11.83 23.04
C SER A 512 7.23 12.58 21.73
N TYR A 513 7.75 11.89 20.72
CA TYR A 513 7.86 12.49 19.35
C TYR A 513 7.80 11.36 18.32
N ILE A 514 7.79 11.71 17.03
CA ILE A 514 7.74 10.71 15.93
C ILE A 514 9.13 10.65 15.31
N ASN A 515 9.79 9.48 15.35
CA ASN A 515 11.18 9.36 14.83
C ASN A 515 11.14 8.96 13.36
N LYS A 516 10.06 8.32 12.91
CA LYS A 516 9.93 7.94 11.49
C LYS A 516 8.45 7.94 11.06
N CYS A 517 8.17 8.36 9.83
CA CYS A 517 6.80 8.28 9.27
C CYS A 517 6.98 7.98 7.78
N SER A 518 6.83 6.72 7.39
CA SER A 518 7.08 6.32 6.01
C SER A 518 5.88 5.62 5.43
N ARG A 519 5.80 5.61 4.10
CA ARG A 519 4.75 4.95 3.35
C ARG A 519 5.37 3.82 2.55
N LEU A 520 4.76 2.65 2.62
CA LEU A 520 5.24 1.46 1.92
C LEU A 520 4.36 1.20 0.71
N LEU A 521 4.98 1.07 -0.46
CA LEU A 521 4.29 0.81 -1.71
C LEU A 521 4.52 -0.64 -2.12
N SER A 522 3.43 -1.37 -2.33
CA SER A 522 3.47 -2.78 -2.69
C SER A 522 3.62 -3.02 -4.18
N ASP A 523 3.47 -1.98 -5.01
CA ASP A 523 3.68 -2.15 -6.45
C ASP A 523 5.13 -2.43 -6.76
N ASP A 524 6.05 -1.88 -5.98
CA ASP A 524 7.48 -2.16 -6.12
C ASP A 524 8.15 -2.44 -4.78
N ARG A 525 7.38 -2.48 -3.69
CA ARG A 525 7.90 -2.70 -2.34
C ARG A 525 8.96 -1.65 -2.00
N THR A 526 8.53 -0.38 -2.00
CA THR A 526 9.44 0.73 -1.81
C THR A 526 8.95 1.61 -0.66
N GLU A 527 9.88 2.11 0.14
CA GLU A 527 9.56 2.96 1.28
C GLU A 527 9.88 4.42 0.94
N VAL A 528 8.91 5.30 1.15
CA VAL A 528 9.06 6.72 0.89
C VAL A 528 8.74 7.48 2.18
N PRO A 529 9.67 8.27 2.71
CA PRO A 529 9.36 9.03 3.93
C PRO A 529 8.27 10.07 3.67
N GLN A 530 7.49 10.34 4.71
CA GLN A 530 6.38 11.29 4.65
C GLN A 530 6.78 12.53 5.47
N LEU A 531 7.34 13.51 4.78
CA LEU A 531 7.75 14.74 5.45
C LEU A 531 6.53 15.60 5.77
N VAL A 532 6.72 16.54 6.69
CA VAL A 532 5.65 17.39 7.19
C VAL A 532 5.76 18.76 6.54
N ASN A 533 4.66 19.23 5.97
CA ASN A 533 4.62 20.56 5.39
C ASN A 533 4.39 21.61 6.47
N ALA A 534 4.60 22.87 6.10
CA ALA A 534 4.49 23.95 7.07
C ALA A 534 3.05 24.11 7.54
N ASN A 535 2.89 24.37 8.84
CA ASN A 535 1.59 24.64 9.46
C ASN A 535 0.61 23.48 9.31
N GLN A 536 1.13 22.26 9.22
CA GLN A 536 0.30 21.08 9.05
C GLN A 536 0.79 19.96 9.94
N TYR A 537 -0.12 19.04 10.25
CA TYR A 537 0.21 17.88 11.07
C TYR A 537 0.78 16.76 10.21
N SER A 538 1.47 15.83 10.86
CA SER A 538 2.03 14.69 10.16
C SER A 538 0.93 13.72 9.75
N PRO A 539 1.08 13.03 8.62
CA PRO A 539 0.10 12.01 8.23
C PRO A 539 0.05 10.83 9.19
N CYS A 540 1.08 10.63 10.01
CA CYS A 540 1.13 9.50 10.93
C CYS A 540 0.53 9.81 12.29
N VAL A 541 -0.02 11.00 12.51
CA VAL A 541 -0.58 11.33 13.82
C VAL A 541 -1.88 10.59 14.10
N SER A 542 -2.51 10.01 13.07
CA SER A 542 -3.73 9.25 13.29
C SER A 542 -3.46 7.88 13.91
N ILE A 543 -2.23 7.37 13.80
CA ILE A 543 -1.89 6.06 14.33
C ILE A 543 -0.95 6.13 15.52
N VAL A 544 -0.22 7.22 15.71
CA VAL A 544 0.63 7.40 16.87
C VAL A 544 -0.22 8.02 17.99
N PRO A 545 -0.30 7.41 19.16
CA PRO A 545 -1.22 7.90 20.20
C PRO A 545 -0.77 9.23 20.79
N SER A 546 -1.54 9.73 21.77
CA SER A 546 -1.20 11.00 22.40
C SER A 546 0.13 10.92 23.13
N THR A 547 0.48 9.75 23.66
CA THR A 547 1.77 9.55 24.32
C THR A 547 2.34 8.21 23.89
N VAL A 548 3.61 8.18 23.54
CA VAL A 548 4.28 6.96 23.13
C VAL A 548 4.63 6.16 24.38
N TRP A 549 4.18 4.90 24.42
CA TRP A 549 4.30 4.11 25.65
C TRP A 549 5.75 3.65 25.87
N GLU A 550 6.44 3.24 24.81
CA GLU A 550 7.80 2.74 24.93
C GLU A 550 8.67 3.36 23.85
N ASP A 551 9.94 3.54 24.17
CA ASP A 551 10.91 4.11 23.24
C ASP A 551 11.22 3.08 22.15
N GLY A 552 10.65 3.27 20.97
CA GLY A 552 10.94 2.39 19.85
C GLY A 552 9.73 1.61 19.36
N ASP A 553 8.53 2.05 19.74
CA ASP A 553 7.31 1.39 19.30
C ASP A 553 7.14 1.54 17.79
N TYR A 554 6.35 0.63 17.22
CA TYR A 554 5.99 0.66 15.81
C TYR A 554 4.47 0.67 15.67
N TYR A 555 3.98 1.49 14.75
CA TYR A 555 2.55 1.61 14.50
C TYR A 555 2.31 1.45 13.01
N ARG A 556 1.24 0.73 12.67
CA ARG A 556 0.97 0.33 11.30
C ARG A 556 -0.45 0.70 10.91
N LYS A 557 -0.68 0.85 9.61
CA LYS A 557 -2.04 1.15 9.09
C LYS A 557 -2.07 0.73 7.61
N GLN A 558 -3.05 -0.08 7.21
CA GLN A 558 -3.09 -0.59 5.82
C GLN A 558 -3.91 0.36 4.94
N LEU A 559 -3.33 0.84 3.84
CA LEU A 559 -4.04 1.78 2.94
C LEU A 559 -4.95 0.98 1.99
N SER A 560 -6.10 1.55 1.62
CA SER A 560 -7.08 0.85 0.75
C SER A 560 -6.67 0.92 -0.72
N PRO A 561 -7.19 0.04 -1.60
CA PRO A 561 -6.88 0.05 -3.06
C PRO A 561 -7.10 1.45 -3.65
N LEU A 562 -8.11 2.17 -3.14
CA LEU A 562 -8.34 3.53 -3.63
C LEU A 562 -7.24 4.47 -3.16
N GLU A 563 -6.80 4.33 -1.91
CA GLU A 563 -5.75 5.17 -1.37
C GLU A 563 -4.38 4.85 -1.95
N GLY A 564 -4.24 3.74 -2.66
CA GLY A 564 -2.96 3.35 -3.25
C GLY A 564 -2.38 2.07 -2.72
N GLY A 565 -3.01 1.40 -1.77
CA GLY A 565 -2.49 0.15 -1.25
C GLY A 565 -1.25 0.37 -0.38
N GLY A 566 -0.62 -0.74 -0.02
CA GLY A 566 0.58 -0.69 0.78
C GLY A 566 0.28 -0.47 2.26
N TRP A 567 1.26 0.10 2.94
CA TRP A 567 1.19 0.33 4.38
C TRP A 567 1.62 1.74 4.71
N LEU A 568 1.18 2.22 5.87
CA LEU A 568 1.67 3.45 6.47
C LEU A 568 2.22 3.09 7.85
N VAL A 569 3.51 3.32 8.05
CA VAL A 569 4.21 2.86 9.25
C VAL A 569 4.87 4.06 9.93
N ALA A 570 4.85 4.06 11.26
CA ALA A 570 5.48 5.12 12.05
C ALA A 570 6.16 4.50 13.27
N SER A 571 7.06 5.28 13.86
CA SER A 571 7.78 4.86 15.05
C SER A 571 7.80 6.02 16.04
N GLY A 572 7.77 5.67 17.33
CA GLY A 572 7.73 6.67 18.39
C GLY A 572 9.00 6.65 19.23
N SER A 573 9.36 7.82 19.75
CA SER A 573 10.51 7.95 20.64
C SER A 573 10.10 8.75 21.87
N THR A 574 10.73 8.43 23.00
CA THR A 574 10.36 9.03 24.28
C THR A 574 11.59 9.56 25.00
N VAL A 575 11.37 10.59 25.81
CA VAL A 575 12.35 11.15 26.72
C VAL A 575 11.68 11.31 28.08
N ALA A 576 12.40 10.98 29.14
CA ALA A 576 11.82 10.95 30.48
C ALA A 576 11.50 12.37 30.97
N MET A 577 10.42 12.47 31.74
CA MET A 577 9.99 13.75 32.27
C MET A 577 10.99 14.31 33.26
N THR A 578 11.18 15.62 33.24
CA THR A 578 12.07 16.30 34.16
C THR A 578 11.30 16.74 35.41
N GLU A 579 12.00 17.43 36.31
CA GLU A 579 11.37 17.90 37.54
C GLU A 579 10.29 18.94 37.24
N GLN A 580 10.57 19.87 36.33
CA GLN A 580 9.63 20.91 35.93
C GLN A 580 9.31 20.74 34.45
N LEU A 581 8.03 20.81 34.12
CA LEU A 581 7.61 20.67 32.73
C LEU A 581 8.23 21.77 31.88
N GLN A 582 8.76 21.40 30.72
CA GLN A 582 9.42 22.33 29.81
C GLN A 582 8.64 22.38 28.51
N MET A 583 8.31 23.58 28.07
CA MET A 583 7.41 23.79 26.96
C MET A 583 8.10 24.53 25.82
N GLY A 584 7.50 24.41 24.65
CA GLY A 584 7.98 25.13 23.48
C GLY A 584 6.85 25.89 22.81
N PHE A 585 7.17 27.09 22.33
CA PHE A 585 6.22 27.96 21.67
C PHE A 585 6.78 28.39 20.32
N GLY A 586 5.90 28.49 19.34
CA GLY A 586 6.27 28.98 18.03
C GLY A 586 5.35 30.09 17.57
N ILE A 587 5.90 31.27 17.34
CA ILE A 587 5.13 32.45 16.97
C ILE A 587 5.35 32.73 15.49
N THR A 588 4.27 32.91 14.75
CA THR A 588 4.32 33.27 13.33
C THR A 588 3.50 34.54 13.14
N VAL A 589 4.14 35.58 12.63
CA VAL A 589 3.48 36.89 12.49
C VAL A 589 3.39 37.24 11.01
N GLN A 590 2.20 37.66 10.59
CA GLN A 590 1.95 38.04 9.21
C GLN A 590 1.54 39.50 9.15
N TYR A 591 2.24 40.27 8.32
CA TYR A 591 1.94 41.69 8.12
C TYR A 591 0.77 41.86 7.17
N THR A 595 -4.46 45.66 6.63
CA THR A 595 -4.56 46.42 7.87
C THR A 595 -3.90 45.66 9.02
N ASN A 596 -3.02 46.35 9.76
CA ASN A 596 -2.32 45.75 10.88
C ASN A 596 -3.12 46.04 12.14
N SER A 597 -4.09 45.16 12.43
CA SER A 597 -4.99 45.38 13.55
C SER A 597 -4.41 44.87 14.87
N VAL A 598 -3.50 43.90 14.83
CA VAL A 598 -2.90 43.35 16.04
C VAL A 598 -1.76 44.24 16.48
N CYS A 599 -2.05 45.20 17.34
CA CYS A 599 -1.02 46.10 17.83
C CYS A 599 -0.75 45.85 19.31
N PRO A 600 0.48 46.07 19.77
CA PRO A 600 0.80 45.82 21.18
C PRO A 600 0.09 46.78 22.11
N LYS A 601 -0.18 46.30 23.32
CA LYS A 601 -0.79 47.13 24.34
C LYS A 601 0.22 48.13 24.89
N LEU A 602 -0.17 49.40 24.91
CA LEU A 602 0.74 50.46 25.36
C LEU A 602 0.14 51.25 26.52
N PRO B 5 -9.23 -35.76 -15.25
CA PRO B 5 -8.77 -34.64 -14.41
C PRO B 5 -7.60 -35.01 -13.52
N VAL B 6 -7.83 -35.03 -12.20
CA VAL B 6 -6.76 -35.33 -11.26
C VAL B 6 -6.35 -36.80 -11.34
N LYS B 7 -7.33 -37.70 -11.44
CA LYS B 7 -7.02 -39.13 -11.44
C LYS B 7 -6.17 -39.53 -12.63
N ARG B 8 -6.51 -39.03 -13.82
CA ARG B 8 -5.72 -39.36 -15.01
C ARG B 8 -4.31 -38.81 -14.91
N PHE B 9 -4.17 -37.59 -14.38
CA PHE B 9 -2.84 -37.00 -14.23
C PHE B 9 -1.99 -37.82 -13.25
N VAL B 10 -2.58 -38.22 -12.13
CA VAL B 10 -1.86 -39.02 -11.14
C VAL B 10 -1.47 -40.36 -11.72
N ARG B 11 -2.39 -41.00 -12.46
CA ARG B 11 -2.09 -42.28 -13.08
C ARG B 11 -0.96 -42.16 -14.10
N GLU B 12 -0.98 -41.10 -14.90
CA GLU B 12 0.10 -40.90 -15.86
C GLU B 12 1.44 -40.67 -15.16
N VAL B 13 1.44 -39.91 -14.07
CA VAL B 13 2.68 -39.67 -13.35
C VAL B 13 3.20 -40.97 -12.74
N LEU B 14 2.30 -41.79 -12.19
CA LEU B 14 2.73 -43.08 -11.63
C LEU B 14 3.27 -44.00 -12.71
N GLU B 15 2.63 -44.01 -13.89
CA GLU B 15 3.13 -44.83 -14.99
C GLU B 15 4.51 -44.37 -15.45
N GLU B 16 4.72 -43.05 -15.48
CA GLU B 16 6.04 -42.53 -15.82
C GLU B 16 7.08 -42.91 -14.76
N ALA B 17 6.70 -42.85 -13.48
CA ALA B 17 7.62 -43.19 -12.41
C ALA B 17 7.95 -44.68 -12.41
N GLU B 18 7.01 -45.52 -12.83
CA GLU B 18 7.25 -46.96 -12.86
C GLU B 18 8.40 -47.33 -13.79
N GLU B 19 8.50 -46.64 -14.93
CA GLU B 19 9.54 -46.89 -15.91
C GLU B 19 10.79 -46.03 -15.67
N ALA B 20 10.98 -45.55 -14.44
CA ALA B 20 12.16 -44.75 -14.10
C ALA B 20 13.05 -45.42 -13.07
N TYR B 21 12.50 -45.84 -11.93
CA TYR B 21 13.31 -46.52 -10.93
C TYR B 21 13.80 -47.87 -11.44
N GLU B 22 12.92 -48.63 -12.09
CA GLU B 22 13.33 -49.89 -12.69
C GLU B 22 14.35 -49.67 -13.79
N LYS B 23 14.16 -48.62 -14.59
CA LYS B 23 15.11 -48.30 -15.65
C LYS B 23 16.45 -47.84 -15.09
N ARG B 26 16.52 -43.31 -9.69
CA ARG B 26 15.90 -43.28 -8.36
C ARG B 26 15.47 -41.89 -7.93
N ARG B 27 16.30 -40.87 -8.17
CA ARG B 27 15.94 -39.51 -7.80
C ARG B 27 14.72 -39.03 -8.59
N GLN B 28 14.69 -39.33 -9.90
CA GLN B 28 13.52 -38.99 -10.70
C GLN B 28 12.28 -39.72 -10.22
N PHE B 29 12.42 -40.99 -9.84
CA PHE B 29 11.30 -41.74 -9.30
C PHE B 29 10.78 -41.09 -8.01
N GLU B 30 11.69 -40.69 -7.12
CA GLU B 30 11.27 -40.05 -5.88
C GLU B 30 10.57 -38.73 -6.15
N GLU B 31 11.11 -37.92 -7.07
CA GLU B 31 10.47 -36.65 -7.38
C GLU B 31 9.10 -36.84 -8.00
N LEU B 32 8.96 -37.81 -8.91
CA LEU B 32 7.66 -38.07 -9.52
C LEU B 32 6.66 -38.56 -8.49
N LEU B 33 7.09 -39.41 -7.57
CA LEU B 33 6.19 -39.87 -6.52
C LEU B 33 5.77 -38.73 -5.61
N TRP B 34 6.71 -37.82 -5.30
CA TRP B 34 6.37 -36.65 -4.49
C TRP B 34 5.36 -35.76 -5.21
N LEU B 35 5.54 -35.57 -6.51
CA LEU B 35 4.58 -34.77 -7.28
C LEU B 35 3.21 -35.43 -7.29
N ALA B 36 3.17 -36.75 -7.47
CA ALA B 36 1.88 -37.46 -7.45
C ALA B 36 1.22 -37.35 -6.08
N GLU B 37 1.99 -37.48 -5.01
CA GLU B 37 1.44 -37.34 -3.67
C GLU B 37 0.88 -35.95 -3.44
N TRP B 38 1.60 -34.92 -3.89
CA TRP B 38 1.11 -33.56 -3.75
C TRP B 38 -0.18 -33.36 -4.54
N ALA B 39 -0.24 -33.89 -5.77
CA ALA B 39 -1.45 -33.75 -6.57
C ALA B 39 -2.62 -34.45 -5.92
N ALA B 40 -2.40 -35.64 -5.36
CA ALA B 40 -3.47 -36.36 -4.67
C ALA B 40 -3.95 -35.61 -3.44
N ARG B 41 -3.00 -35.05 -2.67
CA ARG B 41 -3.37 -34.34 -1.45
C ARG B 41 -4.13 -33.05 -1.77
N ASP B 42 -3.74 -32.34 -2.83
CA ASP B 42 -4.36 -31.07 -3.15
C ASP B 42 -5.83 -31.25 -3.52
N ALA B 43 -6.15 -32.28 -4.30
CA ALA B 43 -7.52 -32.53 -4.72
C ALA B 43 -8.26 -33.38 -3.68
N GLU B 46 -8.55 -39.53 -1.47
CA GLU B 46 -9.28 -40.73 -1.10
C GLU B 46 -8.63 -41.97 -1.68
N GLU B 47 -9.21 -42.48 -2.77
CA GLU B 47 -8.63 -43.65 -3.43
C GLU B 47 -7.28 -43.35 -4.05
N LEU B 48 -6.98 -42.08 -4.33
CA LEU B 48 -5.68 -41.73 -4.89
C LEU B 48 -4.55 -42.03 -3.91
N GLU B 49 -4.77 -41.72 -2.62
CA GLU B 49 -3.77 -42.05 -1.61
C GLU B 49 -3.58 -43.56 -1.50
N GLU B 50 -4.67 -44.32 -1.60
CA GLU B 50 -4.55 -45.78 -1.59
C GLU B 50 -3.75 -46.28 -2.79
N GLU B 51 -3.98 -45.70 -3.97
CA GLU B 51 -3.21 -46.09 -5.14
C GLU B 51 -1.74 -45.74 -4.96
N ILE B 52 -1.45 -44.58 -4.37
CA ILE B 52 -0.06 -44.19 -4.11
C ILE B 52 0.61 -45.19 -3.17
N ARG B 53 -0.10 -45.57 -2.10
CA ARG B 53 0.45 -46.53 -1.15
C ARG B 53 0.68 -47.88 -1.82
N GLU B 54 -0.26 -48.32 -2.65
CA GLU B 54 -0.10 -49.59 -3.35
C GLU B 54 1.09 -49.56 -4.30
N PHE B 55 1.29 -48.44 -5.01
CA PHE B 55 2.43 -48.31 -5.90
C PHE B 55 3.74 -48.15 -5.14
N GLU B 56 3.69 -47.73 -3.88
CA GLU B 56 4.91 -47.55 -3.11
C GLU B 56 5.68 -48.86 -2.97
N LYS B 57 4.98 -49.95 -2.70
CA LYS B 57 5.63 -51.26 -2.56
C LYS B 57 6.02 -51.82 -3.92
N VAL C 395 -1.84 11.82 -34.90
CA VAL C 395 -2.62 10.72 -35.47
C VAL C 395 -3.83 10.40 -34.60
N GLU C 396 -4.28 9.15 -34.67
CA GLU C 396 -5.43 8.70 -33.88
C GLU C 396 -5.13 7.33 -33.31
N CYS C 397 -5.45 7.12 -32.04
CA CYS C 397 -5.22 5.83 -31.41
C CYS C 397 -6.11 4.78 -32.05
N ASP C 398 -5.51 3.64 -32.40
CA ASP C 398 -6.17 2.62 -33.22
C ASP C 398 -6.71 1.51 -32.33
N PHE C 399 -8.02 1.27 -32.40
CA PHE C 399 -8.68 0.19 -31.68
C PHE C 399 -9.06 -0.97 -32.60
N SER C 400 -8.51 -1.02 -33.81
CA SER C 400 -8.87 -2.10 -34.74
C SER C 400 -8.56 -3.50 -34.22
N PRO C 401 -7.42 -3.79 -33.58
CA PRO C 401 -7.18 -5.19 -33.17
C PRO C 401 -8.21 -5.75 -32.22
N LEU C 402 -8.90 -4.89 -31.46
CA LEU C 402 -9.99 -5.37 -30.61
C LEU C 402 -11.11 -5.97 -31.44
N LEU C 403 -11.42 -5.37 -32.57
CA LEU C 403 -12.62 -5.80 -33.31
C LEU C 403 -12.26 -6.79 -34.41
N SER C 404 -11.04 -7.33 -34.40
CA SER C 404 -10.65 -8.38 -35.33
C SER C 404 -10.06 -9.55 -34.56
N GLY C 405 -10.47 -10.76 -34.92
CA GLY C 405 -9.95 -11.96 -34.32
C GLY C 405 -10.69 -12.37 -33.06
N THR C 406 -10.27 -13.50 -32.51
CA THR C 406 -10.85 -14.03 -31.29
C THR C 406 -10.13 -13.45 -30.08
N PRO C 407 -10.83 -12.78 -29.17
CA PRO C 407 -10.16 -12.24 -27.97
C PRO C 407 -9.59 -13.37 -27.13
N PRO C 408 -8.43 -13.15 -26.51
CA PRO C 408 -7.79 -14.22 -25.73
C PRO C 408 -8.47 -14.44 -24.38
N GLN C 409 -7.90 -15.32 -23.57
CA GLN C 409 -8.45 -15.61 -22.24
C GLN C 409 -7.86 -14.65 -21.21
N VAL C 410 -8.38 -14.75 -19.98
CA VAL C 410 -8.01 -13.79 -18.95
C VAL C 410 -6.54 -13.90 -18.59
N TYR C 411 -5.99 -15.12 -18.62
CA TYR C 411 -4.58 -15.31 -18.31
C TYR C 411 -3.67 -15.03 -19.50
N ASN C 412 -4.23 -14.73 -20.67
CA ASN C 412 -3.49 -14.33 -21.86
C ASN C 412 -3.99 -12.99 -22.38
N PHE C 413 -4.34 -12.08 -21.47
CA PHE C 413 -4.97 -10.83 -21.83
C PHE C 413 -4.11 -10.05 -22.82
N LYS C 414 -4.74 -9.51 -23.86
CA LYS C 414 -4.00 -8.82 -24.91
C LYS C 414 -3.93 -7.33 -24.59
N ARG C 415 -2.73 -6.79 -24.63
CA ARG C 415 -2.46 -5.45 -24.14
C ARG C 415 -2.10 -4.50 -25.27
N LEU C 416 -2.69 -3.30 -25.24
CA LEU C 416 -2.40 -2.24 -26.19
C LEU C 416 -1.89 -1.02 -25.43
N VAL C 417 -0.83 -0.41 -25.95
CA VAL C 417 -0.23 0.78 -25.36
C VAL C 417 -0.40 1.94 -26.33
N PHE C 418 -0.90 3.07 -25.82
CA PHE C 418 -1.16 4.24 -26.64
C PHE C 418 -0.41 5.43 -26.06
N THR C 419 0.43 6.04 -26.90
CA THR C 419 1.14 7.26 -26.57
C THR C 419 1.12 8.19 -27.79
N ASN C 420 0.91 9.48 -27.53
CA ASN C 420 0.94 10.51 -28.57
C ASN C 420 -0.07 10.25 -29.68
N CYS C 421 -1.35 10.28 -29.31
CA CYS C 421 -2.43 10.15 -30.27
C CYS C 421 -3.68 10.79 -29.72
N ASN C 422 -4.75 10.77 -30.52
CA ASN C 422 -6.05 11.29 -30.15
C ASN C 422 -7.04 10.14 -30.08
N TYR C 423 -7.69 9.98 -28.94
CA TYR C 423 -8.60 8.87 -28.69
C TYR C 423 -10.03 9.36 -28.50
N ASN C 424 -10.99 8.49 -28.83
CA ASN C 424 -12.43 8.77 -28.57
C ASN C 424 -12.97 7.53 -27.88
N LEU C 425 -12.92 7.49 -26.55
CA LEU C 425 -13.29 6.30 -25.80
C LEU C 425 -14.79 6.04 -25.85
N THR C 426 -15.59 7.10 -25.94
CA THR C 426 -17.04 6.92 -25.99
C THR C 426 -17.47 6.20 -27.26
N LYS C 427 -16.71 6.33 -28.34
CA LYS C 427 -17.04 5.63 -29.58
C LYS C 427 -16.65 4.16 -29.51
N LEU C 428 -15.56 3.83 -28.81
CA LEU C 428 -15.19 2.43 -28.63
C LEU C 428 -16.24 1.67 -27.84
N LEU C 429 -16.75 2.29 -26.77
CA LEU C 429 -17.77 1.66 -25.95
C LEU C 429 -19.17 1.74 -26.57
N SER C 430 -19.33 2.47 -27.67
CA SER C 430 -20.62 2.53 -28.35
C SER C 430 -20.94 1.22 -29.05
N LEU C 431 -19.93 0.54 -29.59
CA LEU C 431 -20.15 -0.70 -30.30
C LEU C 431 -20.60 -1.83 -29.37
N PHE C 432 -20.28 -1.70 -28.10
CA PHE C 432 -20.55 -2.78 -27.13
C PHE C 432 -21.80 -2.45 -26.31
N SER C 433 -22.28 -3.38 -25.51
CA SER C 433 -23.38 -3.18 -24.57
C SER C 433 -22.80 -3.33 -23.18
N VAL C 434 -22.32 -2.22 -22.62
CA VAL C 434 -21.55 -2.23 -21.38
C VAL C 434 -22.44 -2.70 -20.23
N ASN C 435 -22.11 -3.87 -19.68
CA ASN C 435 -22.85 -4.40 -18.54
C ASN C 435 -22.27 -3.92 -17.21
N ASP C 436 -21.00 -3.56 -17.17
CA ASP C 436 -20.38 -3.09 -15.94
C ASP C 436 -19.27 -2.11 -16.28
N PHE C 437 -19.10 -1.10 -15.42
CA PHE C 437 -18.08 -0.07 -15.62
C PHE C 437 -17.74 0.49 -14.24
N THR C 438 -16.59 0.08 -13.70
CA THR C 438 -16.18 0.49 -12.36
C THR C 438 -14.76 1.05 -12.42
N CYS C 439 -14.59 2.28 -11.96
CA CYS C 439 -13.30 2.96 -12.02
C CYS C 439 -12.77 3.24 -10.62
N SER C 440 -11.45 3.14 -10.46
CA SER C 440 -10.75 3.43 -9.23
C SER C 440 -9.76 4.57 -9.48
N GLN C 441 -9.78 5.55 -8.58
CA GLN C 441 -8.96 6.77 -8.64
C GLN C 441 -9.30 7.65 -9.83
N ILE C 442 -10.48 7.47 -10.43
CA ILE C 442 -10.94 8.33 -11.52
C ILE C 442 -12.44 8.10 -11.67
N SER C 443 -13.11 9.07 -12.27
CA SER C 443 -14.55 8.93 -12.44
C SER C 443 -14.88 8.27 -13.78
N PRO C 444 -15.98 7.52 -13.84
CA PRO C 444 -16.39 6.93 -15.14
C PRO C 444 -16.63 7.97 -16.21
N ALA C 445 -17.15 9.15 -15.85
CA ALA C 445 -17.33 10.20 -16.83
C ALA C 445 -16.03 10.90 -17.19
N ALA C 446 -15.06 10.89 -16.27
CA ALA C 446 -13.81 11.60 -16.47
C ALA C 446 -12.72 10.75 -17.12
N ILE C 447 -12.98 9.46 -17.35
CA ILE C 447 -11.97 8.61 -17.97
C ILE C 447 -11.75 9.00 -19.43
N ALA C 448 -12.82 9.39 -20.12
CA ALA C 448 -12.75 9.73 -21.54
C ALA C 448 -12.55 11.21 -21.80
N SER C 449 -12.45 12.03 -20.75
CA SER C 449 -12.32 13.47 -20.90
C SER C 449 -10.88 13.95 -20.76
N ASN C 450 -10.15 13.45 -19.77
CA ASN C 450 -8.80 13.93 -19.52
C ASN C 450 -7.85 13.49 -20.63
N CYS C 451 -6.67 14.10 -20.64
CA CYS C 451 -5.58 13.71 -21.53
C CYS C 451 -4.44 13.15 -20.69
N TYR C 452 -3.89 12.02 -21.11
CA TYR C 452 -2.93 11.27 -20.31
C TYR C 452 -1.61 11.14 -21.04
N SER C 453 -0.54 10.92 -20.26
CA SER C 453 0.76 10.65 -20.88
C SER C 453 0.74 9.31 -21.60
N SER C 454 0.11 8.29 -21.02
CA SER C 454 0.03 6.99 -21.67
C SER C 454 -1.27 6.30 -21.27
N LEU C 455 -1.79 5.50 -22.20
CA LEU C 455 -3.02 4.74 -21.98
C LEU C 455 -2.73 3.27 -22.22
N ILE C 456 -3.19 2.41 -21.32
CA ILE C 456 -2.99 0.97 -21.42
C ILE C 456 -4.36 0.31 -21.43
N LEU C 457 -4.59 -0.58 -22.40
CA LEU C 457 -5.88 -1.24 -22.58
C LEU C 457 -5.65 -2.73 -22.71
N ASP C 458 -6.01 -3.49 -21.68
CA ASP C 458 -5.99 -4.95 -21.74
C ASP C 458 -7.39 -5.44 -22.05
N TYR C 459 -7.51 -6.39 -22.97
CA TYR C 459 -8.81 -6.97 -23.27
C TYR C 459 -8.70 -8.48 -23.32
N PHE C 460 -9.80 -9.13 -22.94
CA PHE C 460 -9.83 -10.59 -22.85
C PHE C 460 -11.28 -11.04 -22.89
N SER C 461 -11.46 -12.36 -23.03
CA SER C 461 -12.78 -12.98 -22.93
C SER C 461 -13.06 -13.34 -21.48
N TYR C 462 -14.17 -12.84 -20.95
CA TYR C 462 -14.48 -13.02 -19.56
C TYR C 462 -15.98 -13.23 -19.39
N PRO C 463 -16.40 -14.25 -18.65
CA PRO C 463 -17.84 -14.44 -18.42
C PRO C 463 -18.37 -13.51 -17.35
N LEU C 464 -19.63 -13.08 -17.55
CA LEU C 464 -20.26 -12.18 -16.59
C LEU C 464 -20.58 -12.87 -15.27
N SER C 465 -20.70 -14.20 -15.27
CA SER C 465 -21.02 -14.92 -14.04
C SER C 465 -19.91 -14.81 -13.01
N MET C 466 -18.69 -14.47 -13.41
CA MET C 466 -17.58 -14.25 -12.48
C MET C 466 -17.31 -12.76 -12.29
N LYS C 467 -18.37 -11.95 -12.26
CA LYS C 467 -18.20 -10.51 -12.05
C LYS C 467 -17.65 -10.21 -10.67
N SER C 468 -17.88 -11.09 -9.70
CA SER C 468 -17.39 -10.85 -8.35
C SER C 468 -15.88 -11.03 -8.25
N ASP C 469 -15.29 -11.91 -9.07
CA ASP C 469 -13.87 -12.17 -9.00
C ASP C 469 -13.04 -11.05 -9.63
N LEU C 470 -13.59 -10.34 -10.62
CA LEU C 470 -12.85 -9.31 -11.34
C LEU C 470 -13.12 -7.96 -10.70
N SER C 471 -12.40 -7.71 -9.60
CA SER C 471 -12.53 -6.44 -8.88
C SER C 471 -11.27 -6.21 -8.08
N VAL C 472 -11.01 -4.93 -7.77
CA VAL C 472 -9.85 -4.58 -6.97
C VAL C 472 -9.97 -5.12 -5.56
N SER C 473 -11.18 -5.16 -5.02
CA SER C 473 -11.42 -5.65 -3.66
C SER C 473 -11.69 -7.15 -3.60
N SER C 474 -11.62 -7.84 -4.72
CA SER C 474 -11.89 -9.28 -4.75
C SER C 474 -10.67 -10.05 -4.28
N ALA C 475 -10.89 -11.34 -3.96
CA ALA C 475 -9.82 -12.20 -3.50
C ALA C 475 -9.89 -13.58 -4.14
N GLY C 476 -10.49 -13.71 -5.32
CA GLY C 476 -10.61 -14.98 -5.99
C GLY C 476 -9.37 -15.33 -6.78
N PRO C 477 -9.42 -16.43 -7.53
CA PRO C 477 -8.25 -16.83 -8.32
C PRO C 477 -7.93 -15.90 -9.47
N ILE C 478 -8.89 -15.08 -9.92
CA ILE C 478 -8.64 -14.19 -11.04
C ILE C 478 -7.61 -13.13 -10.66
N SER C 479 -7.70 -12.60 -9.45
CA SER C 479 -6.79 -11.56 -8.99
C SER C 479 -5.49 -12.12 -8.41
N GLN C 480 -5.33 -13.44 -8.38
CA GLN C 480 -4.12 -14.06 -7.84
C GLN C 480 -3.26 -14.70 -8.92
N PHE C 481 -3.86 -15.43 -9.84
CA PHE C 481 -3.10 -16.19 -10.83
C PHE C 481 -3.35 -15.77 -12.28
N ASN C 482 -4.33 -14.90 -12.54
CA ASN C 482 -4.73 -14.59 -13.91
C ASN C 482 -4.38 -13.17 -14.32
N TYR C 483 -4.86 -12.17 -13.59
CA TYR C 483 -4.76 -10.79 -14.07
C TYR C 483 -4.88 -9.84 -12.88
N LYS C 484 -3.87 -9.01 -12.67
CA LYS C 484 -3.84 -8.05 -11.58
C LYS C 484 -3.54 -6.66 -12.12
N GLN C 485 -4.24 -5.66 -11.59
CA GLN C 485 -4.05 -4.27 -11.97
C GLN C 485 -3.30 -3.52 -10.87
N SER C 486 -2.45 -2.59 -11.29
CA SER C 486 -1.67 -1.80 -10.35
C SER C 486 -2.55 -0.78 -9.63
N PHE C 487 -2.28 -0.58 -8.34
CA PHE C 487 -3.04 0.35 -7.53
C PHE C 487 -2.45 1.76 -7.51
N SER C 488 -1.29 1.96 -8.13
CA SER C 488 -0.62 3.26 -8.11
C SER C 488 -1.08 4.17 -9.25
N ASN C 489 -1.93 3.69 -10.15
CA ASN C 489 -2.42 4.48 -11.26
C ASN C 489 -3.94 4.40 -11.31
N PRO C 490 -4.59 5.42 -11.90
CA PRO C 490 -6.05 5.33 -12.08
C PRO C 490 -6.39 4.22 -13.06
N THR C 491 -7.40 3.42 -12.69
CA THR C 491 -7.75 2.23 -13.45
C THR C 491 -9.27 2.17 -13.61
N CYS C 492 -9.69 1.35 -14.57
CA CYS C 492 -11.11 1.09 -14.81
C CYS C 492 -11.27 -0.33 -15.32
N LEU C 493 -12.34 -0.99 -14.89
CA LEU C 493 -12.70 -2.32 -15.34
C LEU C 493 -14.07 -2.24 -16.02
N ILE C 494 -14.14 -2.75 -17.24
CA ILE C 494 -15.34 -2.71 -18.06
C ILE C 494 -15.72 -4.15 -18.41
N LEU C 495 -17.00 -4.48 -18.27
CA LEU C 495 -17.54 -5.76 -18.68
C LEU C 495 -18.60 -5.48 -19.73
N ALA C 496 -18.33 -5.86 -20.98
CA ALA C 496 -19.20 -5.55 -22.10
C ALA C 496 -19.63 -6.84 -22.79
N THR C 497 -20.57 -6.70 -23.72
CA THR C 497 -21.11 -7.83 -24.47
C THR C 497 -21.05 -7.51 -25.95
N VAL C 498 -20.45 -8.41 -26.72
CA VAL C 498 -20.31 -8.23 -28.18
C VAL C 498 -21.64 -8.44 -28.85
N PRO C 499 -22.29 -7.36 -29.32
CA PRO C 499 -23.58 -7.46 -29.96
C PRO C 499 -23.48 -8.24 -31.27
N HIS C 500 -24.56 -8.87 -31.71
CA HIS C 500 -24.53 -9.76 -32.90
C HIS C 500 -24.15 -9.00 -34.17
N ASN C 501 -24.40 -7.70 -34.21
CA ASN C 501 -24.12 -6.92 -35.44
C ASN C 501 -22.60 -6.80 -35.59
N LEU C 502 -21.84 -6.72 -34.49
CA LEU C 502 -20.35 -6.73 -34.60
C LEU C 502 -19.98 -8.16 -34.99
N THR C 503 -19.55 -8.38 -36.23
CA THR C 503 -19.31 -9.78 -36.70
C THR C 503 -17.87 -9.96 -37.15
N THR C 504 -16.91 -9.71 -36.28
CA THR C 504 -15.49 -9.95 -36.58
C THR C 504 -14.82 -10.17 -35.22
N ILE C 505 -15.63 -10.40 -34.20
CA ILE C 505 -15.09 -10.80 -32.89
C ILE C 505 -15.62 -12.22 -32.75
N THR C 506 -14.86 -13.22 -33.17
CA THR C 506 -15.23 -14.64 -33.14
C THR C 506 -15.18 -15.16 -31.72
N LYS C 507 -16.16 -16.01 -31.38
CA LYS C 507 -16.26 -16.58 -30.05
C LYS C 507 -15.24 -17.70 -29.86
N PRO C 508 -14.69 -17.84 -28.66
CA PRO C 508 -13.85 -18.99 -28.34
C PRO C 508 -14.72 -20.21 -28.06
N LEU C 509 -14.05 -21.34 -27.82
CA LEU C 509 -14.79 -22.55 -27.46
C LEU C 509 -15.50 -22.39 -26.12
N LYS C 510 -14.82 -21.80 -25.13
CA LYS C 510 -15.37 -21.60 -23.81
C LYS C 510 -14.42 -20.67 -23.04
N TYR C 511 -14.86 -20.24 -21.87
CA TYR C 511 -14.04 -19.42 -21.00
C TYR C 511 -13.16 -20.31 -20.13
N SER C 512 -12.01 -19.77 -19.73
CA SER C 512 -11.05 -20.53 -18.94
C SER C 512 -10.27 -19.58 -18.06
N TYR C 513 -9.65 -20.13 -17.03
CA TYR C 513 -8.80 -19.36 -16.13
C TYR C 513 -7.96 -20.31 -15.31
N ILE C 514 -6.81 -19.82 -14.84
CA ILE C 514 -5.89 -20.62 -14.04
C ILE C 514 -6.46 -20.71 -12.63
N ASN C 515 -6.85 -21.92 -12.23
CA ASN C 515 -7.41 -22.12 -10.90
C ASN C 515 -6.34 -22.08 -9.82
N LYS C 516 -5.16 -22.63 -10.13
CA LYS C 516 -4.03 -22.61 -9.17
C LYS C 516 -2.73 -22.64 -9.97
N CYS C 517 -1.67 -22.07 -9.43
CA CYS C 517 -0.35 -22.07 -10.06
C CYS C 517 0.69 -22.09 -8.95
N SER C 518 1.23 -23.27 -8.67
CA SER C 518 2.17 -23.47 -7.57
C SER C 518 3.54 -23.89 -8.10
N ARG C 519 4.56 -23.67 -7.28
CA ARG C 519 5.95 -24.08 -7.63
C ARG C 519 6.43 -25.01 -6.52
N LEU C 520 6.37 -26.32 -6.75
CA LEU C 520 6.76 -27.31 -5.72
C LEU C 520 8.29 -27.34 -5.60
N LEU C 521 8.83 -26.87 -4.46
CA LEU C 521 10.30 -26.80 -4.25
C LEU C 521 10.85 -28.20 -3.93
N SER C 522 12.17 -28.38 -3.94
CA SER C 522 12.73 -29.75 -3.79
C SER C 522 13.10 -30.07 -2.33
N ASP C 523 14.21 -29.50 -1.82
CA ASP C 523 14.68 -29.85 -0.46
C ASP C 523 13.68 -29.42 0.61
N ASP C 524 12.79 -28.46 0.30
CA ASP C 524 11.87 -27.94 1.35
C ASP C 524 10.49 -28.59 1.26
N ARG C 525 10.23 -29.38 0.21
CA ARG C 525 8.88 -29.96 0.02
C ARG C 525 7.83 -28.89 0.36
N THR C 526 7.96 -27.70 -0.23
CA THR C 526 7.05 -26.58 0.09
C THR C 526 6.24 -26.20 -1.12
N GLU C 527 4.95 -25.92 -0.92
CA GLU C 527 4.08 -25.47 -2.04
C GLU C 527 4.05 -23.94 -2.03
N VAL C 528 4.86 -23.31 -2.87
CA VAL C 528 4.95 -21.85 -2.94
C VAL C 528 4.01 -21.35 -4.03
N PRO C 529 2.84 -20.82 -3.69
CA PRO C 529 1.94 -20.27 -4.71
C PRO C 529 2.60 -19.14 -5.47
N GLN C 530 2.34 -19.10 -6.78
CA GLN C 530 2.89 -18.09 -7.68
C GLN C 530 1.81 -17.06 -7.95
N LEU C 531 1.83 -15.96 -7.21
CA LEU C 531 0.86 -14.88 -7.37
C LEU C 531 1.34 -13.91 -8.44
N VAL C 532 0.48 -13.63 -9.42
CA VAL C 532 0.84 -12.73 -10.50
C VAL C 532 0.94 -11.30 -9.96
N ASN C 533 1.90 -10.55 -10.50
CA ASN C 533 2.07 -9.14 -10.15
C ASN C 533 1.39 -8.27 -11.20
N ALA C 534 1.29 -6.98 -10.90
CA ALA C 534 0.65 -6.04 -11.80
C ALA C 534 1.44 -5.92 -13.10
N ASN C 535 0.73 -5.75 -14.21
CA ASN C 535 1.32 -5.51 -15.53
C ASN C 535 2.27 -6.64 -15.93
N GLN C 536 1.88 -7.88 -15.65
CA GLN C 536 2.69 -9.02 -16.07
C GLN C 536 1.80 -10.26 -16.17
N TYR C 537 2.32 -11.25 -16.89
CA TYR C 537 1.63 -12.51 -17.11
C TYR C 537 1.97 -13.51 -16.01
N SER C 538 1.10 -14.51 -15.85
CA SER C 538 1.32 -15.54 -14.86
C SER C 538 2.47 -16.45 -15.28
N PRO C 539 3.25 -16.97 -14.32
CA PRO C 539 4.31 -17.92 -14.67
C PRO C 539 3.81 -19.21 -15.28
N CYS C 540 2.54 -19.57 -15.08
CA CYS C 540 2.00 -20.83 -15.56
C CYS C 540 1.40 -20.74 -16.95
N VAL C 541 1.46 -19.58 -17.61
CA VAL C 541 0.88 -19.45 -18.94
C VAL C 541 1.64 -20.29 -19.97
N SER C 542 2.86 -20.72 -19.65
CA SER C 542 3.63 -21.52 -20.59
C SER C 542 3.14 -22.96 -20.67
N ILE C 543 2.52 -23.47 -19.60
CA ILE C 543 2.04 -24.84 -19.59
C ILE C 543 0.52 -24.92 -19.71
N VAL C 544 -0.21 -23.89 -19.32
CA VAL C 544 -1.66 -23.86 -19.52
C VAL C 544 -1.91 -23.52 -20.98
N PRO C 545 -2.65 -24.35 -21.72
CA PRO C 545 -2.84 -24.09 -23.16
C PRO C 545 -3.73 -22.88 -23.42
N SER C 546 -4.01 -22.62 -24.70
CA SER C 546 -4.83 -21.47 -25.06
C SER C 546 -6.24 -21.59 -24.47
N THR C 547 -6.72 -22.82 -24.26
CA THR C 547 -8.02 -23.03 -23.64
C THR C 547 -7.98 -24.33 -22.87
N VAL C 548 -8.47 -24.30 -21.63
CA VAL C 548 -8.49 -25.49 -20.79
C VAL C 548 -9.50 -26.47 -21.35
N TRP C 549 -9.07 -27.72 -21.56
CA TRP C 549 -9.93 -28.70 -22.21
C TRP C 549 -11.08 -29.14 -21.30
N GLU C 550 -10.77 -29.45 -20.04
CA GLU C 550 -11.79 -29.90 -19.09
C GLU C 550 -11.59 -29.19 -17.75
N ASP C 551 -12.69 -28.93 -17.07
CA ASP C 551 -12.68 -28.20 -15.81
C ASP C 551 -12.03 -29.07 -14.75
N GLY C 552 -10.78 -28.78 -14.42
CA GLY C 552 -10.06 -29.54 -13.41
C GLY C 552 -8.81 -30.20 -13.95
N ASP C 553 -8.36 -29.79 -15.14
CA ASP C 553 -7.14 -30.33 -15.71
C ASP C 553 -5.94 -29.91 -14.89
N TYR C 554 -4.89 -30.72 -14.94
CA TYR C 554 -3.65 -30.46 -14.23
C TYR C 554 -2.49 -30.44 -15.22
N TYR C 555 -1.59 -29.48 -15.04
CA TYR C 555 -0.45 -29.29 -15.92
C TYR C 555 0.83 -29.24 -15.10
N ARG C 556 1.88 -29.88 -15.60
CA ARG C 556 3.14 -29.97 -14.89
C ARG C 556 4.28 -29.63 -15.82
N LYS C 557 5.33 -29.05 -15.24
CA LYS C 557 6.57 -28.79 -15.97
C LYS C 557 7.74 -29.06 -15.03
N GLN C 558 8.71 -29.85 -15.51
CA GLN C 558 9.90 -30.19 -14.70
C GLN C 558 10.90 -29.04 -14.77
N LEU C 559 10.79 -28.08 -13.85
CA LEU C 559 11.77 -26.97 -13.82
C LEU C 559 13.17 -27.56 -13.64
N SER C 560 14.12 -27.14 -14.49
CA SER C 560 15.50 -27.67 -14.43
C SER C 560 16.16 -27.27 -13.11
N PRO C 561 17.16 -28.03 -12.60
CA PRO C 561 17.88 -27.67 -11.35
C PRO C 561 18.31 -26.21 -11.42
N LEU C 562 18.74 -25.76 -12.61
CA LEU C 562 19.14 -24.35 -12.80
C LEU C 562 17.93 -23.44 -12.54
N GLU C 563 16.74 -23.84 -13.00
CA GLU C 563 15.51 -23.05 -12.75
C GLU C 563 15.09 -23.24 -11.29
N GLY C 564 15.79 -24.11 -10.55
CA GLY C 564 15.48 -24.33 -9.12
C GLY C 564 15.03 -25.76 -8.88
N GLY C 565 15.17 -26.62 -9.89
CA GLY C 565 14.69 -28.02 -9.75
C GLY C 565 13.21 -28.03 -9.45
N GLY C 566 12.75 -28.97 -8.63
CA GLY C 566 11.33 -28.99 -8.23
C GLY C 566 10.40 -29.07 -9.42
N TRP C 567 9.20 -28.49 -9.30
CA TRP C 567 8.19 -28.62 -10.38
C TRP C 567 7.32 -27.37 -10.46
N LEU C 568 6.74 -27.08 -11.63
CA LEU C 568 5.77 -26.00 -11.74
C LEU C 568 4.45 -26.62 -12.13
N VAL C 569 3.45 -26.50 -11.25
CA VAL C 569 2.17 -27.17 -11.43
C VAL C 569 1.08 -26.13 -11.55
N ALA C 570 0.07 -26.43 -12.36
CA ALA C 570 -1.04 -25.52 -12.56
C ALA C 570 -2.34 -26.31 -12.55
N SER C 571 -3.45 -25.58 -12.62
CA SER C 571 -4.77 -26.19 -12.67
C SER C 571 -5.70 -25.27 -13.43
N GLY C 572 -6.57 -25.85 -14.26
CA GLY C 572 -7.45 -25.10 -15.13
C GLY C 572 -8.90 -25.28 -14.76
N SER C 573 -9.70 -24.26 -15.08
CA SER C 573 -11.15 -24.31 -14.88
C SER C 573 -11.82 -23.71 -16.10
N THR C 574 -13.08 -24.07 -16.32
CA THR C 574 -13.82 -23.64 -17.50
C THR C 574 -15.21 -23.17 -17.11
N VAL C 575 -15.76 -22.30 -17.94
CA VAL C 575 -17.12 -21.78 -17.79
C VAL C 575 -17.83 -21.93 -19.13
N ALA C 576 -19.12 -22.25 -19.09
CA ALA C 576 -19.87 -22.50 -20.30
C ALA C 576 -19.99 -21.23 -21.14
N MET C 577 -19.89 -21.39 -22.46
CA MET C 577 -19.99 -20.26 -23.35
C MET C 577 -21.44 -19.76 -23.44
N THR C 578 -21.60 -18.45 -23.54
CA THR C 578 -22.92 -17.85 -23.58
C THR C 578 -23.37 -17.66 -25.03
N GLU C 579 -24.63 -17.25 -25.19
CA GLU C 579 -25.18 -17.01 -26.52
C GLU C 579 -24.46 -15.86 -27.21
N GLN C 580 -24.18 -14.78 -26.48
CA GLN C 580 -23.41 -13.66 -26.98
C GLN C 580 -22.09 -13.57 -26.24
N LEU C 581 -21.01 -13.37 -26.99
CA LEU C 581 -19.69 -13.29 -26.39
C LEU C 581 -19.63 -12.10 -25.42
N GLN C 582 -19.00 -12.34 -24.27
CA GLN C 582 -18.84 -11.32 -23.24
C GLN C 582 -17.36 -11.06 -23.05
N MET C 583 -16.97 -9.79 -23.02
CA MET C 583 -15.57 -9.40 -22.96
C MET C 583 -15.30 -8.54 -21.73
N GLY C 584 -14.05 -8.56 -21.31
CA GLY C 584 -13.59 -7.74 -20.20
C GLY C 584 -12.43 -6.86 -20.65
N PHE C 585 -12.43 -5.62 -20.18
CA PHE C 585 -11.42 -4.63 -20.49
C PHE C 585 -10.88 -4.03 -19.21
N GLY C 586 -9.59 -3.75 -19.19
CA GLY C 586 -8.95 -3.04 -18.11
C GLY C 586 -8.13 -1.88 -18.64
N ILE C 587 -8.48 -0.66 -18.24
CA ILE C 587 -7.84 0.55 -18.75
C ILE C 587 -7.06 1.18 -17.61
N THR C 588 -5.76 1.40 -17.83
CA THR C 588 -4.89 2.04 -16.85
C THR C 588 -4.31 3.30 -17.48
N VAL C 589 -4.43 4.43 -16.79
CA VAL C 589 -4.01 5.71 -17.32
C VAL C 589 -2.81 6.22 -16.53
N GLN C 590 -1.86 6.80 -17.26
CA GLN C 590 -0.64 7.35 -16.61
C GLN C 590 -0.50 8.82 -17.02
N TYR C 591 -0.59 9.72 -16.06
CA TYR C 591 -0.49 11.16 -16.30
C TYR C 591 0.92 11.55 -16.71
N THR C 595 4.36 15.72 -19.82
CA THR C 595 3.87 15.97 -21.17
C THR C 595 2.77 14.99 -21.55
N ASN C 596 1.54 15.47 -21.57
CA ASN C 596 0.37 14.66 -21.91
C ASN C 596 0.12 14.73 -23.42
N SER C 597 0.17 13.58 -24.08
CA SER C 597 0.00 13.52 -25.52
C SER C 597 -1.10 12.59 -26.00
N VAL C 598 -1.66 11.76 -25.11
CA VAL C 598 -2.79 10.90 -25.45
C VAL C 598 -4.04 11.70 -25.09
N CYS C 599 -4.50 12.52 -26.03
CA CYS C 599 -5.59 13.45 -25.74
C CYS C 599 -6.86 13.06 -26.50
N PRO C 600 -8.02 13.47 -26.01
CA PRO C 600 -9.25 13.23 -26.77
C PRO C 600 -9.26 14.01 -28.07
N LYS C 601 -9.88 13.41 -29.08
CA LYS C 601 -9.93 14.03 -30.40
C LYS C 601 -10.90 15.21 -30.41
N LEU C 602 -10.51 16.28 -31.09
CA LEU C 602 -11.31 17.48 -31.22
C LEU C 602 -11.78 18.03 -29.87
N SER D 4 11.93 -6.00 23.55
CA SER D 4 12.07 -4.99 22.50
C SER D 4 10.73 -4.65 21.88
N PRO D 5 10.49 -3.36 21.60
CA PRO D 5 9.21 -2.96 21.00
C PRO D 5 9.00 -3.43 19.57
N VAL D 6 10.04 -3.95 18.92
CA VAL D 6 9.90 -4.43 17.55
C VAL D 6 9.40 -5.87 17.51
N LYS D 7 9.82 -6.70 18.47
CA LYS D 7 9.35 -8.08 18.52
C LYS D 7 7.86 -8.15 18.82
N ARG D 8 7.37 -7.27 19.71
CA ARG D 8 5.95 -7.27 20.05
C ARG D 8 5.08 -6.81 18.88
N PHE D 9 5.67 -6.16 17.88
CA PHE D 9 4.97 -5.75 16.67
C PHE D 9 5.01 -6.84 15.61
N VAL D 10 6.18 -7.44 15.42
CA VAL D 10 6.33 -8.51 14.44
C VAL D 10 5.50 -9.73 14.85
N ARG D 11 5.42 -10.00 16.16
CA ARG D 11 4.62 -11.13 16.61
C ARG D 11 3.14 -10.95 16.27
N GLU D 12 2.60 -9.76 16.49
CA GLU D 12 1.20 -9.49 16.13
C GLU D 12 1.01 -9.56 14.61
N VAL D 13 1.97 -9.04 13.85
CA VAL D 13 1.87 -9.12 12.40
C VAL D 13 1.86 -10.57 11.94
N LEU D 14 2.72 -11.40 12.53
CA LEU D 14 2.78 -12.82 12.18
C LEU D 14 1.49 -13.54 12.56
N GLU D 15 0.91 -13.20 13.72
CA GLU D 15 -0.35 -13.81 14.10
C GLU D 15 -1.46 -13.45 13.11
N GLU D 16 -1.52 -12.18 12.70
CA GLU D 16 -2.51 -11.77 11.71
C GLU D 16 -2.28 -12.48 10.39
N ALA D 17 -1.02 -12.62 9.98
CA ALA D 17 -0.72 -13.32 8.73
C ALA D 17 -1.12 -14.78 8.79
N GLU D 18 -0.88 -15.43 9.94
CA GLU D 18 -1.29 -16.82 10.11
C GLU D 18 -2.80 -16.96 10.03
N GLU D 19 -3.53 -16.05 10.66
CA GLU D 19 -4.99 -16.08 10.57
C GLU D 19 -5.45 -15.88 9.13
N ALA D 20 -4.83 -14.94 8.41
CA ALA D 20 -5.20 -14.69 7.03
C ALA D 20 -4.92 -15.89 6.14
N TYR D 21 -3.78 -16.54 6.33
CA TYR D 21 -3.46 -17.74 5.55
C TYR D 21 -4.40 -18.89 5.88
N GLU D 22 -4.82 -19.00 7.14
CA GLU D 22 -5.85 -19.97 7.48
C GLU D 22 -7.15 -19.66 6.76
N LYS D 23 -7.49 -18.37 6.64
CA LYS D 23 -8.67 -17.95 5.88
C LYS D 23 -8.52 -18.20 4.39
N GLY D 24 -7.31 -18.32 3.88
CA GLY D 24 -7.09 -18.62 2.47
C GLY D 24 -6.74 -17.44 1.58
N ASP D 25 -6.51 -16.26 2.15
CA ASP D 25 -6.15 -15.08 1.37
C ASP D 25 -4.64 -15.02 1.24
N ARG D 26 -4.12 -15.41 0.07
CA ARG D 26 -2.68 -15.45 -0.13
C ARG D 26 -2.08 -14.07 -0.34
N ARG D 27 -2.83 -13.16 -0.98
CA ARG D 27 -2.31 -11.81 -1.21
C ARG D 27 -2.10 -11.08 0.11
N GLN D 28 -3.08 -11.18 1.02
CA GLN D 28 -2.93 -10.54 2.32
C GLN D 28 -1.79 -11.15 3.11
N PHE D 29 -1.62 -12.48 3.04
CA PHE D 29 -0.50 -13.13 3.71
C PHE D 29 0.82 -12.64 3.16
N GLU D 30 0.92 -12.47 1.84
CA GLU D 30 2.14 -11.94 1.25
C GLU D 30 2.39 -10.50 1.67
N GLU D 31 1.33 -9.70 1.82
CA GLU D 31 1.51 -8.31 2.25
C GLU D 31 1.89 -8.24 3.73
N LEU D 32 1.21 -9.01 4.57
CA LEU D 32 1.51 -9.00 6.00
C LEU D 32 2.92 -9.50 6.27
N LEU D 33 3.33 -10.55 5.57
CA LEU D 33 4.68 -11.07 5.72
C LEU D 33 5.75 -10.07 5.28
N TRP D 34 5.40 -9.16 4.37
CA TRP D 34 6.34 -8.13 3.94
C TRP D 34 6.56 -7.09 5.03
N LEU D 35 5.49 -6.66 5.69
CA LEU D 35 5.61 -5.66 6.74
C LEU D 35 6.46 -6.18 7.90
N ALA D 36 6.29 -7.45 8.26
CA ALA D 36 7.03 -8.00 9.39
C ALA D 36 8.53 -8.00 9.12
N GLU D 37 8.94 -8.44 7.93
CA GLU D 37 10.36 -8.46 7.61
C GLU D 37 10.91 -7.05 7.41
N TRP D 38 10.10 -6.14 6.88
CA TRP D 38 10.53 -4.75 6.78
C TRP D 38 10.80 -4.17 8.15
N ALA D 39 9.91 -4.43 9.12
CA ALA D 39 10.13 -3.94 10.47
C ALA D 39 11.33 -4.61 11.12
N ALA D 40 11.51 -5.92 10.90
CA ALA D 40 12.65 -6.62 11.48
C ALA D 40 13.97 -6.16 10.89
N ARG D 41 13.95 -5.62 9.67
CA ARG D 41 15.23 -5.21 9.03
C ARG D 41 15.53 -3.75 9.40
N ASP D 42 14.49 -2.95 9.62
CA ASP D 42 14.68 -1.53 10.03
C ASP D 42 15.18 -1.49 11.47
N ALA D 43 14.85 -2.52 12.26
CA ALA D 43 15.25 -2.54 13.69
C ALA D 43 16.56 -3.28 13.87
N ASN D 44 17.28 -3.55 12.77
CA ASN D 44 18.61 -4.21 12.85
C ASN D 44 18.51 -5.45 13.75
N ASP D 45 17.72 -6.44 13.36
CA ASP D 45 17.53 -7.67 14.18
C ASP D 45 17.57 -8.91 13.29
N GLU D 46 18.76 -9.46 13.07
CA GLU D 46 18.91 -10.66 12.19
C GLU D 46 18.19 -11.86 12.84
N GLU D 47 18.22 -11.96 14.17
CA GLU D 47 17.49 -13.06 14.87
C GLU D 47 16.02 -13.01 14.45
N LEU D 48 15.37 -11.86 14.62
CA LEU D 48 13.96 -11.71 14.26
C LEU D 48 13.77 -12.06 12.79
N GLU D 49 14.75 -11.70 11.94
CA GLU D 49 14.69 -12.11 10.54
C GLU D 49 14.65 -13.63 10.41
N GLU D 50 15.54 -14.31 11.13
CA GLU D 50 15.53 -15.77 11.11
C GLU D 50 14.24 -16.38 11.65
N GLU D 51 13.68 -15.78 12.68
CA GLU D 51 12.41 -16.27 13.23
C GLU D 51 11.28 -16.11 12.21
N ILE D 52 11.29 -15.00 11.46
CA ILE D 52 10.29 -14.80 10.41
C ILE D 52 10.45 -15.87 9.32
N ARG D 53 11.70 -16.18 8.95
CA ARG D 53 11.92 -17.22 7.96
C ARG D 53 11.44 -18.57 8.46
N GLU D 54 11.68 -18.87 9.74
CA GLU D 54 11.20 -20.12 10.32
C GLU D 54 9.68 -20.17 10.32
N PHE D 55 9.02 -19.04 10.60
CA PHE D 55 7.57 -18.98 10.53
C PHE D 55 7.09 -19.22 9.10
N GLU D 56 7.80 -18.68 8.12
CA GLU D 56 7.46 -18.95 6.72
C GLU D 56 7.58 -20.44 6.41
N LYS D 57 8.65 -21.07 6.86
CA LYS D 57 8.85 -22.49 6.60
C LYS D 57 7.77 -23.33 7.26
N GLU D 58 7.42 -22.99 8.50
CA GLU D 58 6.38 -23.75 9.21
C GLU D 58 4.99 -23.53 8.64
N VAL D 59 4.81 -22.56 7.76
CA VAL D 59 3.50 -22.30 7.16
C VAL D 59 3.53 -22.64 5.68
#